data_1CRM
#
_entry.id   1CRM
#
_cell.length_a   81.850
_cell.length_b   75.310
_cell.length_c   37.759
_cell.angle_alpha   90.00
_cell.angle_beta   90.00
_cell.angle_gamma   90.00
#
_symmetry.space_group_name_H-M   'P 21 21 21'
#
loop_
_entity.id
_entity.type
_entity.pdbx_description
1 polymer 'CARBONIC ANHYDRASE I'
2 non-polymer 'MERCURY (II) ION'
3 non-polymer 'CHLORIDE ION'
4 non-polymer 'HYDROSULFURIC ACID'
5 water water
#
_entity_poly.entity_id   1
_entity_poly.type   'polypeptide(L)'
_entity_poly.pdbx_seq_one_letter_code
;ASPDWGYDDKNGPEQWSKLYPIANGNNQSPVDIKTSETKHDTSLKPISVSYNPATAKEIINVGHSFHVNFEDNQDRSVLK
GGPFSDSYRLFQFHFHWGSTNEHGSEHTVDGVKYSAELHVAHWNSAKYSSLAEAASKADGLAVIGVLMKVGEANPKLQKV
LDALQAIKTKGKRAPFTNFDPSTLLPSSLDFWTYPGSLTHPPLYESVTWIICKESISVSSEQLAQFRSLLSNVEGDNAVP
MQHNNRPTQPLKGRTVRASF
;
_entity_poly.pdbx_strand_id   A
#
loop_
_chem_comp.id
_chem_comp.type
_chem_comp.name
_chem_comp.formula
CL non-polymer 'CHLORIDE ION' 'Cl -1'
H2S non-polymer 'HYDROSULFURIC ACID' 'H2 S'
HG non-polymer 'MERCURY (II) ION' 'Hg 2'
#
# COMPACT_ATOMS: atom_id res chain seq x y z
N TRP A 5 4.04 -9.96 -16.00
CA TRP A 5 4.16 -8.51 -15.60
C TRP A 5 5.16 -8.45 -14.45
N GLY A 6 5.85 -7.36 -14.38
CA GLY A 6 6.86 -7.17 -13.29
C GLY A 6 7.20 -5.69 -13.38
N TYR A 7 8.42 -5.33 -13.04
CA TYR A 7 8.81 -3.93 -13.10
C TYR A 7 10.01 -3.71 -13.96
N ASP A 8 10.37 -4.72 -14.72
CA ASP A 8 11.54 -4.70 -15.63
C ASP A 8 11.19 -3.99 -16.93
N ASP A 9 12.22 -3.57 -17.62
CA ASP A 9 12.09 -2.82 -18.89
C ASP A 9 11.15 -3.54 -19.85
N LYS A 10 11.10 -4.86 -19.76
CA LYS A 10 10.30 -5.71 -20.61
C LYS A 10 8.86 -5.95 -20.21
N ASN A 11 8.58 -6.10 -18.94
CA ASN A 11 7.20 -6.40 -18.50
C ASN A 11 6.68 -5.42 -17.45
N GLY A 12 7.27 -4.25 -17.40
CA GLY A 12 7.02 -3.18 -16.47
C GLY A 12 5.84 -2.29 -16.71
N PRO A 13 5.71 -1.25 -15.88
CA PRO A 13 4.62 -0.31 -15.96
C PRO A 13 4.25 0.22 -17.34
N GLU A 14 5.25 0.62 -18.11
CA GLU A 14 4.98 1.20 -19.44
C GLU A 14 4.55 0.18 -20.45
N GLN A 15 4.44 -1.09 -20.07
CA GLN A 15 4.03 -2.18 -20.92
C GLN A 15 2.74 -2.85 -20.40
N TRP A 16 2.30 -2.52 -19.19
CA TRP A 16 1.12 -3.18 -18.60
C TRP A 16 -0.15 -3.07 -19.44
N SER A 17 -0.33 -2.02 -20.22
CA SER A 17 -1.55 -1.84 -21.01
C SER A 17 -1.76 -2.86 -22.11
N LYS A 18 -0.68 -3.40 -22.64
CA LYS A 18 -0.75 -4.41 -23.71
C LYS A 18 -1.59 -5.57 -23.21
N LEU A 19 -1.42 -5.87 -21.94
CA LEU A 19 -2.09 -6.94 -21.23
C LEU A 19 -3.30 -6.61 -20.41
N TYR A 20 -3.35 -5.48 -19.76
CA TYR A 20 -4.43 -4.95 -18.92
C TYR A 20 -4.76 -3.53 -19.42
N PRO A 21 -5.69 -3.48 -20.36
CA PRO A 21 -6.12 -2.23 -20.98
C PRO A 21 -6.62 -1.23 -19.95
N ILE A 22 -7.05 -1.71 -18.79
CA ILE A 22 -7.52 -0.80 -17.72
C ILE A 22 -6.35 0.05 -17.22
N ALA A 23 -5.14 -0.40 -17.52
CA ALA A 23 -3.95 0.38 -17.12
C ALA A 23 -4.07 1.81 -17.61
N ASN A 24 -4.81 2.05 -18.69
CA ASN A 24 -4.98 3.42 -19.24
C ASN A 24 -6.40 3.89 -18.90
N GLY A 25 -6.92 3.49 -17.77
CA GLY A 25 -8.30 3.89 -17.38
C GLY A 25 -8.32 5.34 -16.93
N ASN A 26 -9.47 5.71 -16.39
CA ASN A 26 -9.73 7.05 -15.87
C ASN A 26 -9.55 7.23 -14.37
N ASN A 27 -9.33 6.17 -13.61
CA ASN A 27 -9.17 6.26 -12.16
C ASN A 27 -7.94 5.40 -11.73
N GLN A 28 -6.88 5.60 -12.47
CA GLN A 28 -5.63 4.86 -12.20
C GLN A 28 -4.81 5.53 -11.11
N SER A 29 -4.15 4.74 -10.28
CA SER A 29 -3.29 5.18 -9.19
C SER A 29 -1.85 4.68 -9.39
N PRO A 30 -0.86 5.33 -8.79
CA PRO A 30 -0.96 6.51 -7.90
C PRO A 30 -1.08 7.82 -8.64
N VAL A 31 -1.22 8.96 -7.98
CA VAL A 31 -1.34 10.26 -8.63
C VAL A 31 -0.47 11.23 -7.79
N ASP A 32 -0.21 12.36 -8.41
CA ASP A 32 0.50 13.47 -7.80
C ASP A 32 -0.57 14.34 -7.12
N ILE A 33 -0.43 14.59 -5.86
CA ILE A 33 -1.34 15.41 -5.04
C ILE A 33 -0.86 16.87 -5.02
N LYS A 34 -1.57 17.71 -5.76
CA LYS A 34 -1.19 19.15 -5.80
C LYS A 34 -1.95 19.84 -4.68
N THR A 35 -1.26 20.18 -3.63
CA THR A 35 -1.83 20.81 -2.46
C THR A 35 -2.54 22.13 -2.74
N SER A 36 -2.28 22.76 -3.85
CA SER A 36 -2.94 24.02 -4.20
C SER A 36 -4.26 23.75 -4.93
N GLU A 37 -4.54 22.49 -5.20
CA GLU A 37 -5.76 22.09 -5.91
C GLU A 37 -6.66 21.15 -5.16
N THR A 38 -6.27 20.78 -3.94
CA THR A 38 -7.10 19.85 -3.15
C THR A 38 -8.35 20.58 -2.70
N LYS A 39 -9.38 19.81 -2.33
CA LYS A 39 -10.61 20.47 -1.85
C LYS A 39 -10.97 20.11 -0.42
N HIS A 40 -11.09 21.07 0.46
CA HIS A 40 -11.48 20.87 1.86
C HIS A 40 -12.93 20.41 1.91
N ASP A 41 -13.23 19.25 2.49
CA ASP A 41 -14.63 18.71 2.55
C ASP A 41 -14.97 18.55 4.03
N THR A 42 -15.85 19.46 4.48
CA THR A 42 -16.24 19.50 5.89
C THR A 42 -17.00 18.28 6.35
N SER A 43 -17.41 17.40 5.44
CA SER A 43 -18.10 16.20 5.90
C SER A 43 -17.14 15.08 6.30
N LEU A 44 -15.86 15.22 6.10
CA LEU A 44 -14.90 14.14 6.43
C LEU A 44 -14.66 13.99 7.91
N LYS A 45 -14.94 12.81 8.42
CA LYS A 45 -14.73 12.49 9.85
C LYS A 45 -13.27 12.02 9.99
N PRO A 46 -12.85 11.93 11.24
CA PRO A 46 -11.52 11.43 11.57
C PRO A 46 -11.56 9.91 11.29
N ILE A 47 -10.43 9.38 10.77
CA ILE A 47 -10.51 7.92 10.54
C ILE A 47 -10.38 7.24 11.93
N SER A 48 -11.03 6.09 12.09
CA SER A 48 -10.91 5.33 13.34
C SER A 48 -10.45 3.91 12.97
N VAL A 49 -9.28 3.53 13.44
CA VAL A 49 -8.75 2.18 13.12
C VAL A 49 -8.77 1.45 14.47
N SER A 50 -9.21 0.21 14.44
CA SER A 50 -9.30 -0.63 15.63
C SER A 50 -8.85 -2.03 15.23
N TYR A 51 -7.58 -2.32 15.43
CA TYR A 51 -7.04 -3.61 14.98
C TYR A 51 -6.71 -4.49 16.19
N ASN A 52 -6.91 -5.77 15.95
CA ASN A 52 -6.69 -6.80 16.99
C ASN A 52 -5.40 -7.55 16.61
N PRO A 53 -4.38 -7.42 17.42
CA PRO A 53 -3.09 -8.04 17.12
C PRO A 53 -3.18 -9.53 16.91
N ALA A 54 -4.19 -10.21 17.40
CA ALA A 54 -4.36 -11.66 17.25
C ALA A 54 -4.84 -12.04 15.88
N THR A 55 -5.16 -11.05 15.05
CA THR A 55 -5.59 -11.33 13.68
C THR A 55 -4.35 -11.41 12.76
N ALA A 56 -3.17 -11.06 13.24
CA ALA A 56 -1.96 -11.18 12.40
C ALA A 56 -1.77 -12.68 12.09
N LYS A 57 -1.49 -12.99 10.87
CA LYS A 57 -1.38 -14.40 10.47
C LYS A 57 -0.12 -14.89 9.80
N GLU A 58 0.29 -14.35 8.66
CA GLU A 58 1.50 -14.82 7.97
C GLU A 58 2.19 -13.76 7.16
N ILE A 59 3.43 -14.00 6.83
CA ILE A 59 4.26 -13.13 5.96
C ILE A 59 4.63 -14.05 4.78
N ILE A 60 4.56 -13.53 3.59
CA ILE A 60 4.83 -14.23 2.36
C ILE A 60 5.51 -13.41 1.28
N ASN A 61 6.46 -14.06 0.63
CA ASN A 61 7.20 -13.44 -0.51
C ASN A 61 6.40 -13.80 -1.78
N VAL A 62 5.87 -12.78 -2.42
CA VAL A 62 5.08 -12.97 -3.63
C VAL A 62 5.89 -12.70 -4.90
N GLY A 63 7.18 -12.56 -4.82
CA GLY A 63 7.92 -12.34 -6.08
C GLY A 63 8.30 -10.91 -6.37
N HIS A 64 7.32 -10.03 -6.44
CA HIS A 64 7.52 -8.61 -6.74
C HIS A 64 7.48 -7.81 -5.44
N SER A 65 7.08 -8.50 -4.40
CA SER A 65 6.91 -7.91 -3.06
C SER A 65 6.77 -8.97 -1.98
N PHE A 66 6.44 -8.55 -0.80
CA PHE A 66 6.18 -9.36 0.39
C PHE A 66 4.90 -8.72 1.00
N HIS A 67 4.00 -9.61 1.41
CA HIS A 67 2.75 -9.27 2.02
C HIS A 67 2.67 -9.91 3.42
N VAL A 68 2.05 -9.12 4.26
CA VAL A 68 1.72 -9.49 5.64
C VAL A 68 0.16 -9.59 5.68
N ASN A 69 -0.30 -10.84 5.80
CA ASN A 69 -1.70 -11.16 5.82
C ASN A 69 -2.30 -11.36 7.22
N PHE A 70 -3.57 -11.02 7.30
CA PHE A 70 -4.41 -11.08 8.49
C PHE A 70 -5.67 -11.91 8.17
N GLU A 71 -6.14 -12.63 9.16
CA GLU A 71 -7.36 -13.42 9.08
C GLU A 71 -8.49 -12.36 8.95
N ASP A 72 -9.34 -12.52 8.00
CA ASP A 72 -10.43 -11.54 7.72
C ASP A 72 -11.78 -12.27 7.69
N ASN A 73 -11.97 -13.03 8.75
CA ASN A 73 -13.12 -13.88 8.97
C ASN A 73 -14.30 -13.18 9.64
N GLN A 74 -13.95 -12.31 10.55
CA GLN A 74 -14.82 -11.49 11.38
C GLN A 74 -14.28 -10.03 11.27
N ASP A 75 -14.97 -9.22 12.03
CA ASP A 75 -14.68 -7.79 12.12
C ASP A 75 -13.87 -7.41 13.34
N ARG A 76 -12.93 -8.21 13.80
CA ARG A 76 -12.06 -7.92 14.94
C ARG A 76 -11.10 -6.75 14.64
N SER A 77 -10.70 -6.59 13.38
CA SER A 77 -9.81 -5.50 12.94
C SER A 77 -10.47 -4.74 11.77
N VAL A 78 -10.87 -3.51 12.09
CA VAL A 78 -11.52 -2.65 11.13
C VAL A 78 -11.11 -1.19 11.15
N LEU A 79 -11.51 -0.58 10.04
CA LEU A 79 -11.32 0.84 9.79
C LEU A 79 -12.71 1.46 9.60
N LYS A 80 -12.94 2.57 10.29
CA LYS A 80 -14.23 3.28 10.19
C LYS A 80 -13.94 4.77 10.03
N GLY A 81 -14.95 5.55 9.66
CA GLY A 81 -14.74 7.01 9.58
C GLY A 81 -14.19 7.53 8.27
N GLY A 82 -13.63 8.72 8.36
CA GLY A 82 -13.05 9.38 7.15
C GLY A 82 -14.25 9.59 6.21
N PRO A 83 -14.14 9.17 4.98
CA PRO A 83 -15.24 9.30 4.00
C PRO A 83 -16.26 8.19 4.04
N PHE A 84 -16.03 7.11 4.76
CA PHE A 84 -16.92 5.97 4.78
C PHE A 84 -18.13 5.99 5.71
N SER A 85 -19.06 5.17 5.22
CA SER A 85 -20.34 4.85 5.83
C SER A 85 -20.30 3.41 6.38
N ASP A 86 -19.53 2.55 5.72
CA ASP A 86 -19.43 1.16 6.23
C ASP A 86 -18.02 0.99 6.82
N SER A 87 -17.88 -0.15 7.45
CA SER A 87 -16.60 -0.55 8.05
C SER A 87 -15.95 -1.51 7.04
N TYR A 88 -14.64 -1.32 6.93
CA TYR A 88 -13.70 -2.08 6.08
C TYR A 88 -12.84 -2.98 6.95
N ARG A 89 -12.75 -4.24 6.58
CA ARG A 89 -11.99 -5.25 7.32
C ARG A 89 -10.51 -5.30 6.87
N LEU A 90 -9.60 -5.30 7.81
CA LEU A 90 -8.16 -5.39 7.58
C LEU A 90 -7.82 -6.75 6.97
N PHE A 91 -7.08 -6.71 5.85
CA PHE A 91 -6.66 -7.97 5.21
C PHE A 91 -5.14 -7.94 5.00
N GLN A 92 -4.48 -6.79 4.85
CA GLN A 92 -2.98 -6.98 4.60
C GLN A 92 -2.30 -5.64 4.67
N PHE A 93 -0.97 -5.65 4.64
CA PHE A 93 -0.11 -4.46 4.56
C PHE A 93 1.11 -4.89 3.69
N HIS A 94 1.63 -3.92 2.98
CA HIS A 94 2.80 -4.16 2.11
C HIS A 94 3.45 -2.81 1.84
N PHE A 95 4.61 -2.84 1.21
CA PHE A 95 5.45 -1.67 0.91
C PHE A 95 5.79 -1.64 -0.56
N HIS A 96 6.18 -0.47 -1.01
CA HIS A 96 6.65 -0.07 -2.31
C HIS A 96 7.94 0.74 -2.02
N TRP A 97 8.92 0.51 -2.84
CA TRP A 97 10.26 1.15 -2.73
C TRP A 97 10.86 1.24 -4.11
N GLY A 98 11.95 1.98 -4.24
CA GLY A 98 12.62 2.19 -5.54
C GLY A 98 14.06 1.67 -5.49
N SER A 99 14.75 1.83 -6.60
CA SER A 99 16.17 1.36 -6.65
C SER A 99 17.11 2.27 -5.88
N THR A 100 16.69 3.51 -5.62
CA THR A 100 17.48 4.48 -4.83
C THR A 100 16.70 4.79 -3.55
N ASN A 101 17.38 5.18 -2.49
CA ASN A 101 16.84 5.51 -1.20
C ASN A 101 16.06 6.81 -1.22
N GLU A 102 16.29 7.65 -2.20
CA GLU A 102 15.56 8.92 -2.25
C GLU A 102 14.29 8.90 -3.05
N HIS A 103 14.10 8.08 -4.05
CA HIS A 103 12.90 8.11 -4.88
C HIS A 103 12.27 6.75 -5.09
N GLY A 104 11.29 6.37 -4.30
CA GLY A 104 10.64 5.07 -4.42
C GLY A 104 9.22 5.00 -3.97
N SER A 105 8.58 6.08 -3.64
CA SER A 105 7.15 6.07 -3.21
C SER A 105 6.32 6.01 -4.49
N GLU A 106 5.01 5.81 -4.30
CA GLU A 106 4.12 5.74 -5.48
C GLU A 106 3.47 7.10 -5.65
N HIS A 107 2.83 7.56 -4.60
CA HIS A 107 2.17 8.89 -4.62
C HIS A 107 3.28 9.94 -4.37
N THR A 108 3.09 11.09 -4.96
CA THR A 108 3.96 12.24 -4.88
C THR A 108 3.10 13.41 -4.39
N VAL A 109 3.75 14.37 -3.79
CA VAL A 109 3.06 15.57 -3.26
C VAL A 109 3.74 16.80 -3.85
N ASP A 110 2.98 17.61 -4.56
CA ASP A 110 3.56 18.80 -5.21
C ASP A 110 4.74 18.42 -6.07
N GLY A 111 4.66 17.32 -6.78
CA GLY A 111 5.73 16.88 -7.67
C GLY A 111 6.88 16.13 -7.03
N VAL A 112 6.89 16.07 -5.71
CA VAL A 112 7.92 15.44 -4.92
C VAL A 112 7.70 13.99 -4.54
N LYS A 113 8.65 13.19 -4.96
CA LYS A 113 8.64 11.73 -4.71
C LYS A 113 9.40 11.46 -3.42
N TYR A 114 8.81 10.61 -2.59
CA TYR A 114 9.35 10.19 -1.29
C TYR A 114 10.19 8.93 -1.47
N SER A 115 10.71 8.39 -0.38
CA SER A 115 11.63 7.23 -0.41
C SER A 115 10.93 5.89 -0.54
N ALA A 116 9.80 5.79 0.14
CA ALA A 116 9.03 4.55 0.14
C ALA A 116 7.59 4.79 0.57
N GLU A 117 6.79 3.74 0.59
CA GLU A 117 5.36 3.90 0.95
C GLU A 117 4.76 2.65 1.53
N LEU A 118 3.97 2.80 2.63
CA LEU A 118 3.28 1.70 3.29
C LEU A 118 1.81 1.72 2.86
N HIS A 119 1.26 0.61 2.47
CA HIS A 119 -0.15 0.47 2.05
C HIS A 119 -0.82 -0.48 3.03
N VAL A 120 -1.85 -0.11 3.70
CA VAL A 120 -2.67 -0.91 4.65
C VAL A 120 -4.04 -1.03 3.94
N ALA A 121 -4.37 -2.23 3.50
CA ALA A 121 -5.55 -2.49 2.69
C ALA A 121 -6.67 -3.14 3.52
N HIS A 122 -7.88 -2.84 3.16
CA HIS A 122 -9.11 -3.35 3.85
C HIS A 122 -10.20 -3.56 2.81
N TRP A 123 -11.14 -4.45 3.03
CA TRP A 123 -12.22 -4.68 2.07
C TRP A 123 -13.56 -4.40 2.79
N ASN A 124 -14.55 -4.05 1.97
CA ASN A 124 -15.91 -3.69 2.40
C ASN A 124 -16.72 -4.96 2.71
N SER A 125 -16.74 -5.35 3.95
CA SER A 125 -17.38 -6.52 4.51
C SER A 125 -18.89 -6.31 4.75
N ALA A 126 -19.26 -5.06 4.70
CA ALA A 126 -20.64 -4.60 4.87
C ALA A 126 -21.45 -4.75 3.60
N LYS A 127 -20.88 -4.89 2.42
CA LYS A 127 -21.55 -5.01 1.14
C LYS A 127 -21.18 -6.25 0.32
N TYR A 128 -20.02 -6.80 0.65
CA TYR A 128 -19.52 -7.96 -0.11
C TYR A 128 -19.32 -9.09 0.88
N SER A 129 -19.39 -10.27 0.29
CA SER A 129 -19.27 -11.53 1.05
C SER A 129 -17.84 -12.00 1.12
N SER A 130 -16.97 -11.52 0.24
CA SER A 130 -15.54 -11.91 0.27
C SER A 130 -14.65 -10.84 -0.38
N LEU A 131 -13.32 -10.98 -0.24
CA LEU A 131 -12.39 -10.03 -0.82
C LEU A 131 -12.39 -10.19 -2.35
N ALA A 132 -12.50 -11.44 -2.80
CA ALA A 132 -12.48 -11.80 -4.23
C ALA A 132 -13.51 -11.02 -5.05
N GLU A 133 -14.70 -10.95 -4.48
CA GLU A 133 -15.87 -10.28 -5.03
C GLU A 133 -15.75 -8.76 -5.03
N ALA A 134 -15.41 -8.23 -3.89
CA ALA A 134 -15.23 -6.80 -3.59
C ALA A 134 -14.09 -6.11 -4.31
N ALA A 135 -13.08 -6.85 -4.68
CA ALA A 135 -11.88 -6.36 -5.32
C ALA A 135 -12.11 -5.64 -6.63
N SER A 136 -13.12 -6.07 -7.38
CA SER A 136 -13.39 -5.41 -8.66
C SER A 136 -14.47 -4.34 -8.56
N LYS A 137 -15.09 -4.13 -7.43
CA LYS A 137 -16.15 -3.12 -7.25
C LYS A 137 -15.67 -1.73 -6.83
N ALA A 138 -16.30 -0.69 -7.37
CA ALA A 138 -15.95 0.69 -7.10
C ALA A 138 -15.71 1.04 -5.63
N ASP A 139 -16.48 0.44 -4.75
CA ASP A 139 -16.41 0.67 -3.33
C ASP A 139 -15.82 -0.56 -2.60
N GLY A 140 -15.13 -1.45 -3.32
CA GLY A 140 -14.61 -2.63 -2.67
C GLY A 140 -13.51 -2.54 -1.65
N LEU A 141 -12.53 -1.70 -1.90
CA LEU A 141 -11.35 -1.60 -1.02
C LEU A 141 -11.04 -0.20 -0.54
N ALA A 142 -10.41 -0.12 0.63
CA ALA A 142 -9.94 1.12 1.24
C ALA A 142 -8.42 0.87 1.57
N VAL A 143 -7.57 1.74 1.11
CA VAL A 143 -6.11 1.58 1.42
C VAL A 143 -5.55 2.85 2.06
N ILE A 144 -4.91 2.67 3.21
CA ILE A 144 -4.27 3.84 3.86
C ILE A 144 -2.84 3.89 3.27
N GLY A 145 -2.41 4.99 2.75
CA GLY A 145 -1.05 5.15 2.18
C GLY A 145 -0.27 6.09 3.12
N VAL A 146 0.93 5.69 3.51
CA VAL A 146 1.79 6.51 4.38
C VAL A 146 3.14 6.65 3.67
N LEU A 147 3.51 7.89 3.45
CA LEU A 147 4.76 8.30 2.80
C LEU A 147 5.89 8.13 3.83
N MET A 148 6.96 7.59 3.30
CA MET A 148 8.21 7.27 4.02
C MET A 148 9.34 8.12 3.43
N LYS A 149 10.00 8.80 4.31
CA LYS A 149 11.10 9.73 4.13
C LYS A 149 12.38 9.22 4.75
N VAL A 150 13.42 9.10 3.93
CA VAL A 150 14.70 8.58 4.45
C VAL A 150 15.30 9.58 5.45
N GLY A 151 15.71 9.03 6.59
CA GLY A 151 16.30 9.79 7.65
C GLY A 151 16.76 8.86 8.77
N GLU A 152 16.14 9.11 9.91
CA GLU A 152 16.41 8.31 11.14
C GLU A 152 15.77 6.95 11.02
N ALA A 153 16.44 5.92 11.52
CA ALA A 153 15.94 4.55 11.51
C ALA A 153 14.60 4.48 12.29
N ASN A 154 13.67 3.70 11.78
CA ASN A 154 12.35 3.55 12.45
C ASN A 154 12.32 2.21 13.19
N PRO A 155 12.40 2.27 14.51
CA PRO A 155 12.39 1.09 15.36
C PRO A 155 11.10 0.30 15.32
N LYS A 156 9.99 0.92 14.97
CA LYS A 156 8.72 0.18 14.84
C LYS A 156 8.70 -0.80 13.68
N LEU A 157 9.61 -0.72 12.73
CA LEU A 157 9.63 -1.64 11.61
C LEU A 157 10.34 -2.95 11.93
N GLN A 158 11.12 -3.00 12.97
CA GLN A 158 11.96 -4.10 13.39
C GLN A 158 11.40 -5.50 13.23
N LYS A 159 10.26 -5.78 13.85
CA LYS A 159 9.67 -7.11 13.81
C LYS A 159 9.44 -7.56 12.38
N VAL A 160 9.13 -6.62 11.52
CA VAL A 160 8.90 -6.94 10.08
C VAL A 160 10.25 -7.25 9.42
N LEU A 161 11.21 -6.37 9.69
CA LEU A 161 12.58 -6.59 9.13
C LEU A 161 13.11 -7.94 9.58
N ASP A 162 12.90 -8.28 10.83
CA ASP A 162 13.39 -9.54 11.40
C ASP A 162 12.74 -10.75 10.74
N ALA A 163 11.48 -10.69 10.37
CA ALA A 163 10.77 -11.79 9.75
C ALA A 163 11.24 -12.15 8.35
N LEU A 164 11.82 -11.20 7.63
CA LEU A 164 12.28 -11.31 6.28
C LEU A 164 13.29 -12.44 6.06
N GLN A 165 14.08 -12.73 7.08
CA GLN A 165 15.07 -13.83 6.94
C GLN A 165 14.44 -15.16 6.59
N ALA A 166 13.22 -15.38 7.05
CA ALA A 166 12.46 -16.59 6.82
C ALA A 166 11.74 -16.64 5.49
N ILE A 167 11.69 -15.58 4.70
CA ILE A 167 10.98 -15.64 3.41
C ILE A 167 11.82 -15.02 2.32
N LYS A 168 13.08 -15.39 2.29
CA LYS A 168 14.05 -14.86 1.36
C LYS A 168 13.72 -14.98 -0.09
N THR A 169 13.18 -16.03 -0.61
CA THR A 169 12.81 -16.32 -1.98
C THR A 169 11.32 -16.54 -2.17
N LYS A 170 10.86 -16.47 -3.37
CA LYS A 170 9.48 -16.61 -3.84
C LYS A 170 8.77 -17.88 -3.41
N GLY A 171 7.56 -17.69 -2.85
CA GLY A 171 6.71 -18.73 -2.34
C GLY A 171 6.92 -19.09 -0.88
N LYS A 172 7.97 -18.59 -0.26
CA LYS A 172 8.27 -18.84 1.14
C LYS A 172 7.27 -18.03 2.00
N ARG A 173 6.85 -18.59 3.10
CA ARG A 173 5.91 -18.00 4.03
C ARG A 173 6.26 -18.48 5.44
N ALA A 174 5.78 -17.69 6.38
CA ALA A 174 6.00 -17.95 7.80
C ALA A 174 4.92 -17.29 8.64
N PRO A 175 4.69 -17.92 9.79
CA PRO A 175 3.74 -17.35 10.75
C PRO A 175 4.35 -15.98 11.09
N PHE A 176 3.52 -15.00 11.28
CA PHE A 176 3.69 -13.61 11.60
C PHE A 176 2.47 -13.31 12.51
N THR A 177 2.68 -13.30 13.81
CA THR A 177 1.61 -13.10 14.79
C THR A 177 1.77 -11.97 15.77
N ASN A 178 0.67 -11.71 16.46
CA ASN A 178 0.56 -10.72 17.52
C ASN A 178 1.17 -9.39 17.16
N PHE A 179 0.61 -8.79 16.12
CA PHE A 179 1.05 -7.50 15.60
C PHE A 179 -0.13 -6.66 15.16
N ASP A 180 -0.05 -5.40 15.56
CA ASP A 180 -0.95 -4.29 15.33
C ASP A 180 -0.32 -3.25 14.41
N PRO A 181 -0.71 -3.27 13.16
CA PRO A 181 -0.14 -2.32 12.16
C PRO A 181 -0.47 -0.89 12.43
N SER A 182 -1.36 -0.60 13.37
CA SER A 182 -1.67 0.80 13.72
C SER A 182 -0.39 1.40 14.33
N THR A 183 0.51 0.57 14.82
CA THR A 183 1.78 1.03 15.39
C THR A 183 2.66 1.71 14.36
N LEU A 184 2.41 1.46 13.09
CA LEU A 184 3.18 2.05 12.02
C LEU A 184 2.62 3.38 11.52
N LEU A 185 1.39 3.75 11.86
CA LEU A 185 0.87 5.02 11.31
C LEU A 185 1.35 6.22 12.13
N PRO A 186 1.37 7.36 11.46
CA PRO A 186 1.77 8.60 12.13
C PRO A 186 0.67 9.01 13.10
N SER A 187 0.98 9.89 14.01
CA SER A 187 0.01 10.39 15.00
C SER A 187 -1.09 11.21 14.32
N SER A 188 -0.71 11.98 13.31
CA SER A 188 -1.68 12.83 12.60
C SER A 188 -2.94 12.11 12.21
N LEU A 189 -4.08 12.78 12.36
CA LEU A 189 -5.37 12.20 11.97
C LEU A 189 -5.90 12.84 10.68
N ASP A 190 -5.08 13.68 10.07
CA ASP A 190 -5.41 14.39 8.84
C ASP A 190 -4.96 13.64 7.58
N PHE A 191 -5.74 13.75 6.52
CA PHE A 191 -5.48 13.02 5.27
C PHE A 191 -6.05 13.66 4.03
N TRP A 192 -5.68 13.06 2.90
CA TRP A 192 -6.20 13.41 1.58
C TRP A 192 -6.94 12.12 1.13
N THR A 193 -7.99 12.26 0.37
CA THR A 193 -8.70 11.03 -0.13
C THR A 193 -9.05 11.21 -1.59
N TYR A 194 -9.03 10.19 -2.38
CA TYR A 194 -9.44 10.26 -3.81
C TYR A 194 -9.78 8.83 -4.27
N PRO A 195 -10.66 8.72 -5.27
CA PRO A 195 -11.07 7.45 -5.89
C PRO A 195 -10.00 6.99 -6.87
N GLY A 196 -9.57 5.74 -6.76
CA GLY A 196 -8.53 5.23 -7.66
C GLY A 196 -8.48 3.73 -7.79
N SER A 197 -7.25 3.22 -7.99
CA SER A 197 -7.05 1.77 -8.23
C SER A 197 -5.87 1.16 -7.48
N LEU A 198 -5.77 -0.14 -7.73
CA LEU A 198 -4.63 -0.94 -7.24
C LEU A 198 -3.47 -0.34 -8.08
N THR A 199 -2.27 -0.39 -7.54
CA THR A 199 -1.12 0.17 -8.27
C THR A 199 -0.37 -0.90 -9.05
N HIS A 200 -0.94 -2.09 -9.08
CA HIS A 200 -0.33 -3.18 -9.87
C HIS A 200 -1.42 -4.13 -10.35
N PRO A 201 -1.12 -4.82 -11.43
CA PRO A 201 -2.08 -5.79 -11.98
C PRO A 201 -2.68 -6.59 -10.85
N PRO A 202 -3.98 -6.85 -10.91
CA PRO A 202 -4.95 -6.48 -11.95
C PRO A 202 -5.34 -5.03 -12.17
N LEU A 203 -4.87 -4.09 -11.33
CA LEU A 203 -5.15 -2.68 -11.52
C LEU A 203 -6.63 -2.33 -11.50
N TYR A 204 -7.40 -3.02 -10.72
CA TYR A 204 -8.86 -2.80 -10.58
C TYR A 204 -9.10 -1.39 -10.05
N GLU A 205 -10.15 -0.73 -10.54
CA GLU A 205 -10.44 0.64 -10.08
C GLU A 205 -11.44 0.53 -8.96
N SER A 206 -11.01 -0.09 -7.84
CA SER A 206 -11.90 -0.33 -6.71
C SER A 206 -11.48 0.22 -5.36
N VAL A 207 -10.55 1.12 -5.35
CA VAL A 207 -9.93 1.69 -4.19
C VAL A 207 -10.22 3.14 -3.89
N THR A 208 -10.61 3.35 -2.60
CA THR A 208 -10.80 4.67 -2.04
C THR A 208 -9.52 4.94 -1.23
N TRP A 209 -8.64 5.79 -1.69
CA TRP A 209 -7.37 6.12 -1.03
C TRP A 209 -7.45 7.10 0.12
N ILE A 210 -6.70 6.79 1.18
CA ILE A 210 -6.55 7.61 2.37
C ILE A 210 -5.02 7.87 2.51
N ILE A 211 -4.56 9.02 2.12
CA ILE A 211 -3.14 9.36 2.17
C ILE A 211 -2.89 10.22 3.41
N CYS A 212 -2.08 9.74 4.33
CA CYS A 212 -1.75 10.49 5.54
C CYS A 212 -1.06 11.79 5.16
N LYS A 213 -1.35 12.83 5.95
CA LYS A 213 -0.76 14.16 5.72
C LYS A 213 0.69 14.13 6.20
N GLU A 214 0.99 13.41 7.24
CA GLU A 214 2.27 13.18 7.92
C GLU A 214 3.00 11.94 7.39
N SER A 215 4.29 12.01 7.30
CA SER A 215 5.14 10.88 6.78
C SER A 215 5.82 10.19 7.95
N ILE A 216 6.37 9.01 7.78
CA ILE A 216 7.13 8.29 8.84
C ILE A 216 8.56 8.18 8.35
N SER A 217 9.54 7.90 9.21
CA SER A 217 10.94 7.78 8.72
C SER A 217 11.26 6.29 8.51
N VAL A 218 12.45 6.11 7.97
CA VAL A 218 13.07 4.84 7.61
C VAL A 218 14.56 5.14 7.34
N SER A 219 15.50 4.27 7.66
CA SER A 219 16.91 4.65 7.30
C SER A 219 17.25 3.96 5.99
N SER A 220 18.36 4.32 5.37
CA SER A 220 18.79 3.69 4.13
C SER A 220 19.10 2.21 4.39
N GLU A 221 19.58 1.85 5.59
CA GLU A 221 19.86 0.47 5.89
C GLU A 221 18.63 -0.39 6.06
N GLN A 222 17.52 0.18 6.45
CA GLN A 222 16.25 -0.58 6.56
C GLN A 222 15.75 -0.86 5.14
N LEU A 223 15.88 0.11 4.25
CA LEU A 223 15.45 0.01 2.85
C LEU A 223 16.26 -1.01 2.06
N ALA A 224 17.53 -1.11 2.39
CA ALA A 224 18.46 -2.04 1.73
C ALA A 224 18.02 -3.48 2.00
N GLN A 225 17.42 -3.72 3.15
CA GLN A 225 16.88 -4.98 3.60
C GLN A 225 15.71 -5.40 2.72
N PHE A 226 14.79 -4.50 2.41
CA PHE A 226 13.68 -4.85 1.50
C PHE A 226 14.28 -5.29 0.14
N ARG A 227 15.22 -4.46 -0.26
CA ARG A 227 15.94 -4.61 -1.52
C ARG A 227 16.74 -5.89 -1.64
N SER A 228 17.00 -6.57 -0.56
CA SER A 228 17.75 -7.81 -0.51
C SER A 228 16.91 -9.07 -0.70
N LEU A 229 15.60 -8.97 -0.56
CA LEU A 229 14.76 -10.19 -0.76
C LEU A 229 14.98 -10.57 -2.23
N LEU A 230 14.74 -11.78 -2.59
CA LEU A 230 14.91 -12.35 -3.94
C LEU A 230 13.57 -12.63 -4.60
N SER A 231 13.44 -12.46 -5.88
CA SER A 231 12.26 -12.67 -6.70
C SER A 231 12.15 -14.08 -7.30
N ASN A 232 13.28 -14.75 -7.29
CA ASN A 232 13.49 -16.11 -7.82
C ASN A 232 13.06 -17.15 -6.78
N VAL A 233 12.81 -18.37 -7.23
CA VAL A 233 12.49 -19.46 -6.33
C VAL A 233 13.86 -20.01 -5.84
N GLU A 234 13.87 -20.59 -4.68
CA GLU A 234 15.01 -21.21 -4.01
C GLU A 234 15.71 -22.20 -4.95
N GLY A 235 17.02 -22.11 -4.95
CA GLY A 235 17.87 -22.96 -5.79
C GLY A 235 18.32 -22.28 -7.08
N ASP A 236 17.54 -21.36 -7.59
CA ASP A 236 17.85 -20.66 -8.86
C ASP A 236 18.83 -19.52 -8.61
N ASN A 237 19.14 -18.80 -9.68
CA ASN A 237 20.06 -17.65 -9.61
C ASN A 237 19.39 -16.44 -9.01
N ALA A 238 20.12 -15.70 -8.19
CA ALA A 238 19.67 -14.55 -7.45
C ALA A 238 19.23 -13.41 -8.31
N VAL A 239 18.00 -12.94 -8.08
CA VAL A 239 17.44 -11.76 -8.77
C VAL A 239 16.77 -10.91 -7.66
N PRO A 240 17.38 -9.84 -7.24
CA PRO A 240 16.80 -9.02 -6.17
C PRO A 240 15.58 -8.22 -6.59
N MET A 241 14.88 -7.88 -5.53
CA MET A 241 13.62 -7.11 -5.49
C MET A 241 14.04 -5.63 -5.35
N GLN A 242 14.60 -5.19 -6.43
CA GLN A 242 15.19 -3.91 -6.67
C GLN A 242 14.22 -2.73 -6.58
N HIS A 243 13.05 -2.91 -7.15
CA HIS A 243 12.03 -1.85 -7.14
C HIS A 243 10.66 -2.38 -7.52
N ASN A 244 9.65 -1.59 -7.02
CA ASN A 244 8.26 -2.01 -7.30
C ASN A 244 7.31 -0.82 -7.20
N ASN A 245 7.71 0.31 -7.72
CA ASN A 245 6.80 1.49 -7.65
C ASN A 245 6.35 1.83 -9.08
N ARG A 246 5.07 2.18 -9.20
CA ARG A 246 4.51 2.58 -10.48
C ARG A 246 4.51 4.10 -10.59
N PRO A 247 4.84 4.59 -11.78
CA PRO A 247 4.81 6.04 -12.05
C PRO A 247 3.41 6.60 -11.83
N THR A 248 3.30 7.88 -11.53
CA THR A 248 1.99 8.54 -11.33
C THR A 248 1.23 8.59 -12.67
N GLN A 249 -0.08 8.56 -12.51
CA GLN A 249 -1.04 8.55 -13.62
C GLN A 249 -1.90 9.80 -13.58
N PRO A 250 -2.32 10.21 -14.79
CA PRO A 250 -3.16 11.41 -14.90
C PRO A 250 -4.41 11.28 -14.05
N LEU A 251 -4.80 12.42 -13.52
CA LEU A 251 -5.99 12.58 -12.65
C LEU A 251 -7.28 12.46 -13.42
N LYS A 252 -7.23 12.86 -14.70
CA LYS A 252 -8.41 12.82 -15.56
C LYS A 252 -9.67 13.32 -14.90
N GLY A 253 -9.58 14.46 -14.24
CA GLY A 253 -10.71 15.11 -13.63
C GLY A 253 -11.16 14.77 -12.24
N ARG A 254 -10.43 13.90 -11.53
CA ARG A 254 -10.83 13.53 -10.15
C ARG A 254 -10.48 14.68 -9.23
N THR A 255 -11.09 14.68 -8.05
CA THR A 255 -10.83 15.75 -7.07
C THR A 255 -10.15 15.12 -5.87
N VAL A 256 -9.09 15.69 -5.36
CA VAL A 256 -8.43 15.15 -4.16
C VAL A 256 -9.02 16.01 -3.03
N ARG A 257 -9.69 15.42 -2.08
CA ARG A 257 -10.30 16.15 -0.96
C ARG A 257 -9.42 16.09 0.28
N ALA A 258 -9.43 17.15 1.08
CA ALA A 258 -8.61 17.20 2.31
C ALA A 258 -9.52 17.32 3.52
N SER A 259 -9.06 16.73 4.62
CA SER A 259 -9.85 16.80 5.87
C SER A 259 -9.48 18.05 6.68
N PHE A 260 -8.72 18.94 6.09
CA PHE A 260 -8.23 20.18 6.73
C PHE A 260 -8.07 21.28 5.69
HG HG B . 0.25 -1.26 -3.08
HG HG C . -3.56 8.68 8.25
CL CL D . -1.95 -1.63 -4.11
HG HG E . -3.29 10.13 8.81
CL CL F . -5.62 9.60 9.09
HG HG G . 13.11 2.95 -9.63
S H2S H . -0.97 10.57 8.78
#